data_9D51
#
_entry.id   9D51
#
_cell.length_a   61.629
_cell.length_b   80.755
_cell.length_c   66.742
_cell.angle_alpha   90
_cell.angle_beta   106.186
_cell.angle_gamma   90
#
_symmetry.space_group_name_H-M   'P 1 21 1'
#
loop_
_entity.id
_entity.type
_entity.pdbx_description
1 polymer PAK-2p34
2 non-polymer N~2~-{[(1s,4s)-4-aminocyclohexyl]methyl}-N~4~-[5-(trifluoromethyl)-1,3-thiazol-2-yl]pyrimidine-2,4-diamine
3 water water
#
_entity_poly.entity_id   1
_entity_poly.type   'polypeptide(L)'
_entity_poly.pdbx_seq_one_letter_code
;TDEEIMEKLRTIVSIGDPKKKYTRYEKIGQGASGTVFTATDVALGQEVAIKQINLQKQPKKELIINEILVMKELKNPNIV
NFLDSYLVGDELFVVMEYLAGGSLTDVVTETCMDEAQIAAVCRECLQALEFLHANQVIHRNIKSDNVLLGMEGSVKLTDF
GFCAQITPEQSKRSEMVGTPYWMAPEVVTRKAYGPKVDIWSLGIMAIEMVEGEPPYLNENPLRALYLIATNGTPELQNPE
KLSPIFRDFLNRCLEMDVEKRGSAKELLQHQFLKLAKPLSSLTPLIAAAKEAMKSNR
;
_entity_poly.pdbx_strand_id   B,A
#
# COMPACT_ATOMS: atom_id res chain seq x y z
N GLU A 4 -26.94 -21.58 7.67
CA GLU A 4 -27.22 -21.75 6.22
C GLU A 4 -26.30 -22.81 5.64
N ILE A 5 -26.73 -23.32 4.49
CA ILE A 5 -26.18 -24.47 3.78
C ILE A 5 -25.26 -24.02 2.63
N MET A 6 -25.10 -22.69 2.56
CA MET A 6 -24.55 -21.97 1.42
C MET A 6 -25.02 -22.68 0.15
N GLU A 7 -26.27 -22.37 -0.21
CA GLU A 7 -26.83 -22.86 -1.45
C GLU A 7 -26.01 -22.35 -2.63
N LYS A 8 -26.29 -22.91 -3.81
CA LYS A 8 -25.67 -22.37 -5.01
C LYS A 8 -24.17 -22.65 -4.99
N LEU A 9 -23.63 -23.30 -3.94
CA LEU A 9 -22.31 -23.93 -4.00
C LEU A 9 -22.38 -25.13 -4.94
N ARG A 10 -23.56 -25.80 -4.94
CA ARG A 10 -23.92 -26.80 -5.93
C ARG A 10 -23.47 -26.45 -7.35
N THR A 11 -23.51 -25.17 -7.76
CA THR A 11 -23.19 -24.75 -9.12
C THR A 11 -21.70 -24.86 -9.45
N ILE A 12 -20.78 -25.04 -8.47
CA ILE A 12 -19.35 -24.95 -8.79
C ILE A 12 -18.51 -26.08 -8.17
N VAL A 13 -18.96 -26.57 -7.02
CA VAL A 13 -18.32 -27.66 -6.31
C VAL A 13 -18.66 -28.99 -7.01
N SER A 14 -17.62 -29.81 -7.22
CA SER A 14 -17.77 -31.19 -7.64
C SER A 14 -17.68 -32.06 -6.39
N ILE A 15 -18.35 -33.24 -6.48
CA ILE A 15 -18.28 -34.19 -5.40
C ILE A 15 -16.87 -34.74 -5.41
N GLY A 16 -16.39 -34.99 -4.21
CA GLY A 16 -15.14 -35.66 -4.03
C GLY A 16 -14.15 -34.89 -3.17
N ASP A 17 -13.20 -35.66 -2.59
CA ASP A 17 -12.10 -35.27 -1.74
C ASP A 17 -10.96 -34.75 -2.61
N PRO A 18 -10.61 -33.47 -2.46
CA PRO A 18 -9.53 -32.88 -3.27
C PRO A 18 -8.16 -33.39 -2.84
N LYS A 19 -8.10 -34.11 -1.71
CA LYS A 19 -6.85 -34.70 -1.22
C LYS A 19 -6.64 -36.13 -1.76
N LYS A 20 -7.56 -36.64 -2.56
CA LYS A 20 -7.45 -37.90 -3.25
C LYS A 20 -7.37 -37.69 -4.77
N LYS A 21 -8.09 -36.66 -5.24
CA LYS A 21 -8.03 -36.27 -6.63
C LYS A 21 -6.70 -35.58 -6.95
N TYR A 22 -6.11 -34.87 -5.97
CA TYR A 22 -4.81 -34.21 -6.14
C TYR A 22 -3.83 -34.73 -5.10
N THR A 23 -2.52 -34.86 -5.46
CA THR A 23 -1.46 -35.25 -4.54
C THR A 23 -0.27 -34.26 -4.59
N ARG A 24 0.75 -34.54 -3.79
CA ARG A 24 1.96 -33.74 -3.72
C ARG A 24 1.61 -32.28 -3.72
N TYR A 25 0.83 -31.88 -2.73
CA TYR A 25 0.61 -30.46 -2.49
C TYR A 25 1.89 -29.80 -1.99
N GLU A 26 2.14 -28.57 -2.44
CA GLU A 26 3.24 -27.73 -1.98
C GLU A 26 2.76 -26.30 -1.92
N LYS A 27 3.05 -25.61 -0.81
CA LYS A 27 2.57 -24.24 -0.63
C LYS A 27 3.41 -23.33 -1.50
N ILE A 28 2.76 -22.34 -2.13
CA ILE A 28 3.33 -21.48 -3.16
C ILE A 28 2.95 -20.00 -2.93
N GLY A 29 1.96 -19.73 -2.08
CA GLY A 29 1.49 -18.37 -1.85
C GLY A 29 0.46 -18.36 -0.72
N GLN A 30 0.88 -17.92 0.47
CA GLN A 30 -0.04 -17.33 1.42
C GLN A 30 -0.80 -16.24 0.65
N GLY A 31 -1.57 -15.41 1.36
CA GLY A 31 -2.39 -14.39 0.71
C GLY A 31 -3.62 -14.00 1.53
N ALA A 32 -3.93 -12.70 1.58
CA ALA A 32 -5.16 -12.22 2.19
C ALA A 32 -6.30 -13.11 1.72
N SER A 33 -6.67 -14.08 2.57
CA SER A 33 -7.80 -14.99 2.34
C SER A 33 -7.61 -15.92 1.12
N GLY A 34 -6.78 -16.96 1.31
CA GLY A 34 -6.32 -17.91 0.29
C GLY A 34 -4.92 -18.44 0.64
N THR A 35 -4.73 -19.77 0.80
CA THR A 35 -3.43 -20.40 0.52
C THR A 35 -3.43 -20.98 -0.91
N VAL A 36 -2.35 -20.74 -1.64
CA VAL A 36 -2.23 -21.28 -2.99
C VAL A 36 -1.18 -22.37 -2.96
N PHE A 37 -1.62 -23.56 -3.36
CA PHE A 37 -0.73 -24.69 -3.49
C PHE A 37 -0.60 -25.07 -4.96
N THR A 38 0.45 -25.85 -5.19
CA THR A 38 0.64 -26.52 -6.46
C THR A 38 0.35 -27.98 -6.15
N ALA A 39 -0.12 -28.76 -7.12
CA ALA A 39 -0.31 -30.16 -6.83
C ALA A 39 -0.52 -30.94 -8.13
N THR A 40 -0.66 -32.28 -8.05
CA THR A 40 -0.79 -33.10 -9.24
C THR A 40 -2.11 -33.87 -9.24
N ASP A 41 -2.82 -33.80 -10.37
CA ASP A 41 -3.96 -34.64 -10.64
C ASP A 41 -3.55 -36.09 -10.72
N VAL A 42 -4.13 -36.89 -9.81
CA VAL A 42 -3.78 -38.29 -9.74
C VAL A 42 -4.24 -39.07 -10.97
N ALA A 43 -5.09 -38.50 -11.82
CA ALA A 43 -5.62 -39.28 -12.94
C ALA A 43 -4.99 -38.85 -14.30
N LEU A 44 -4.86 -37.53 -14.46
CA LEU A 44 -4.37 -36.90 -15.67
C LEU A 44 -2.87 -36.55 -15.57
N GLY A 45 -2.27 -36.47 -14.38
CA GLY A 45 -0.85 -36.10 -14.28
C GLY A 45 -0.60 -34.61 -14.31
N GLN A 46 -1.68 -33.86 -14.58
CA GLN A 46 -1.52 -32.47 -14.90
C GLN A 46 -1.23 -31.67 -13.62
N GLU A 47 -0.39 -30.63 -13.73
CA GLU A 47 -0.09 -29.90 -12.54
C GLU A 47 -1.06 -28.74 -12.47
N VAL A 48 -1.53 -28.39 -11.25
CA VAL A 48 -2.57 -27.37 -11.12
C VAL A 48 -2.24 -26.43 -9.97
N ALA A 49 -2.82 -25.22 -9.97
CA ALA A 49 -2.80 -24.41 -8.74
C ALA A 49 -4.10 -24.52 -7.96
N ILE A 50 -4.01 -24.71 -6.66
CA ILE A 50 -5.19 -24.85 -5.83
C ILE A 50 -5.19 -23.77 -4.76
N LYS A 51 -6.19 -22.85 -4.86
CA LYS A 51 -6.51 -21.88 -3.81
C LYS A 51 -7.53 -22.42 -2.79
N GLN A 52 -7.05 -22.55 -1.56
CA GLN A 52 -7.79 -23.09 -0.43
C GLN A 52 -8.37 -21.95 0.40
N ILE A 53 -9.67 -21.92 0.58
CA ILE A 53 -10.34 -20.78 1.15
C ILE A 53 -11.18 -21.22 2.34
N ASN A 54 -10.97 -20.49 3.43
CA ASN A 54 -11.73 -20.74 4.62
C ASN A 54 -12.94 -19.86 4.51
N LEU A 55 -14.10 -20.41 4.17
CA LEU A 55 -15.29 -19.61 4.01
C LEU A 55 -15.72 -19.12 5.41
N GLN A 56 -15.26 -19.76 6.50
CA GLN A 56 -15.72 -19.37 7.83
C GLN A 56 -15.17 -17.97 8.08
N LYS A 57 -13.90 -17.74 7.73
CA LYS A 57 -13.27 -16.44 7.94
C LYS A 57 -13.55 -15.52 6.75
N GLN A 58 -14.63 -15.76 5.99
CA GLN A 58 -14.94 -14.99 4.80
C GLN A 58 -16.00 -13.93 5.07
N PRO A 59 -15.56 -12.71 5.48
CA PRO A 59 -16.45 -11.79 6.17
C PRO A 59 -17.53 -11.42 5.16
N LYS A 60 -18.77 -11.88 5.44
CA LYS A 60 -19.96 -11.57 4.66
C LYS A 60 -19.79 -11.88 3.17
N LYS A 61 -18.53 -11.99 2.70
CA LYS A 61 -18.23 -12.12 1.27
C LYS A 61 -18.55 -13.54 0.85
N GLU A 62 -19.84 -13.88 0.79
CA GLU A 62 -20.31 -15.26 0.60
C GLU A 62 -20.71 -15.45 -0.87
N LEU A 63 -21.84 -14.84 -1.30
CA LEU A 63 -22.26 -14.94 -2.69
C LEU A 63 -21.33 -14.09 -3.56
N ILE A 64 -20.63 -13.14 -2.92
CA ILE A 64 -19.64 -12.28 -3.55
C ILE A 64 -18.47 -13.15 -4.01
N ILE A 65 -18.09 -14.12 -3.16
CA ILE A 65 -17.00 -15.04 -3.45
C ILE A 65 -17.52 -16.24 -4.23
N ASN A 66 -18.81 -16.27 -4.65
CA ASN A 66 -19.17 -17.07 -5.83
C ASN A 66 -19.10 -16.28 -7.14
N GLU A 67 -18.29 -15.21 -7.21
CA GLU A 67 -17.66 -14.81 -8.46
C GLU A 67 -16.62 -15.83 -8.95
N ILE A 68 -16.43 -16.92 -8.19
CA ILE A 68 -15.82 -18.14 -8.67
C ILE A 68 -16.69 -18.71 -9.81
N LEU A 69 -18.01 -18.48 -9.71
CA LEU A 69 -18.94 -18.88 -10.77
C LEU A 69 -18.72 -18.06 -12.04
N VAL A 70 -18.36 -16.78 -11.87
CA VAL A 70 -17.93 -15.96 -13.00
C VAL A 70 -16.64 -16.52 -13.59
N MET A 71 -15.70 -16.94 -12.74
CA MET A 71 -14.50 -17.60 -13.25
C MET A 71 -14.87 -18.84 -14.06
N LYS A 72 -15.86 -19.62 -13.55
CA LYS A 72 -16.38 -20.79 -14.21
C LYS A 72 -16.94 -20.45 -15.60
N GLU A 73 -17.66 -19.33 -15.77
CA GLU A 73 -18.33 -19.06 -17.05
C GLU A 73 -17.34 -18.46 -18.06
N LEU A 74 -16.47 -17.57 -17.57
CA LEU A 74 -15.49 -16.86 -18.39
C LEU A 74 -14.13 -17.57 -18.42
N LYS A 75 -13.95 -18.26 -19.54
CA LYS A 75 -12.77 -19.03 -19.84
C LYS A 75 -12.16 -18.50 -21.12
N ASN A 76 -10.83 -18.30 -21.12
CA ASN A 76 -10.09 -17.84 -22.30
C ASN A 76 -8.63 -18.35 -22.32
N PRO A 77 -8.09 -18.75 -23.51
CA PRO A 77 -6.73 -19.26 -23.58
C PRO A 77 -5.67 -18.36 -22.93
N ASN A 78 -5.88 -17.06 -22.96
CA ASN A 78 -4.88 -16.14 -22.46
C ASN A 78 -5.11 -15.74 -21.00
N ILE A 79 -5.98 -16.44 -20.24
CA ILE A 79 -6.03 -16.23 -18.80
C ILE A 79 -5.74 -17.56 -18.17
N VAL A 80 -5.40 -17.58 -16.89
CA VAL A 80 -5.37 -18.79 -16.06
C VAL A 80 -6.82 -19.19 -15.71
N ASN A 81 -7.32 -20.26 -16.32
CA ASN A 81 -8.71 -20.61 -16.13
C ASN A 81 -8.96 -21.43 -14.86
N PHE A 82 -10.16 -21.22 -14.33
CA PHE A 82 -10.81 -22.18 -13.48
C PHE A 82 -10.88 -23.56 -14.16
N LEU A 83 -10.58 -24.61 -13.38
CA LEU A 83 -10.77 -25.98 -13.82
C LEU A 83 -11.93 -26.56 -13.02
N ASP A 84 -11.84 -26.52 -11.68
CA ASP A 84 -12.86 -27.19 -10.86
C ASP A 84 -12.78 -26.73 -9.41
N SER A 85 -13.77 -27.10 -8.59
CA SER A 85 -13.74 -26.78 -7.17
C SER A 85 -14.26 -27.96 -6.34
N TYR A 86 -13.71 -28.07 -5.13
CA TYR A 86 -14.06 -29.08 -4.15
C TYR A 86 -14.31 -28.35 -2.82
N LEU A 87 -15.10 -28.97 -1.96
CA LEU A 87 -15.37 -28.51 -0.59
C LEU A 87 -15.09 -29.60 0.42
N VAL A 88 -14.34 -29.26 1.50
CA VAL A 88 -14.20 -30.04 2.72
C VAL A 88 -14.58 -29.14 3.91
N GLY A 89 -15.68 -29.51 4.58
CA GLY A 89 -16.18 -28.67 5.70
C GLY A 89 -16.44 -27.28 5.13
N ASP A 90 -15.73 -26.27 5.70
CA ASP A 90 -15.90 -24.93 5.14
C ASP A 90 -14.67 -24.49 4.34
N GLU A 91 -13.87 -25.46 3.89
CA GLU A 91 -12.69 -25.14 3.08
C GLU A 91 -13.07 -25.35 1.61
N LEU A 92 -13.21 -24.28 0.84
CA LEU A 92 -13.31 -24.36 -0.60
C LEU A 92 -11.91 -24.50 -1.22
N PHE A 93 -11.71 -25.55 -2.00
CA PHE A 93 -10.51 -25.64 -2.83
C PHE A 93 -10.85 -25.25 -4.27
N VAL A 94 -10.26 -24.14 -4.75
CA VAL A 94 -10.46 -23.77 -6.14
C VAL A 94 -9.24 -24.19 -6.94
N VAL A 95 -9.52 -25.00 -7.97
CA VAL A 95 -8.51 -25.55 -8.85
C VAL A 95 -8.47 -24.76 -10.14
N MET A 96 -7.26 -24.25 -10.45
CA MET A 96 -6.99 -23.49 -11.65
C MET A 96 -5.81 -24.04 -12.47
N GLU A 97 -5.67 -23.50 -13.68
CA GLU A 97 -4.58 -23.86 -14.56
C GLU A 97 -3.27 -23.56 -13.85
N TYR A 98 -2.32 -24.44 -14.03
CA TYR A 98 -0.93 -24.13 -13.66
C TYR A 98 -0.09 -24.06 -14.96
N LEU A 99 0.74 -23.01 -15.10
CA LEU A 99 1.55 -22.92 -16.30
C LEU A 99 3.01 -22.93 -15.83
N ALA A 100 3.69 -24.01 -16.18
CA ALA A 100 5.13 -24.15 -15.98
C ALA A 100 5.87 -23.14 -16.86
N GLY A 101 6.73 -22.31 -16.22
CA GLY A 101 7.33 -21.20 -16.92
C GLY A 101 7.97 -20.22 -15.95
N GLY A 102 7.84 -18.96 -16.33
CA GLY A 102 8.19 -17.89 -15.42
C GLY A 102 7.20 -16.77 -15.59
N SER A 103 7.26 -15.78 -14.66
CA SER A 103 6.59 -14.53 -14.85
C SER A 103 7.32 -13.66 -15.84
N LEU A 104 6.56 -12.74 -16.44
CA LEU A 104 7.13 -11.78 -17.32
C LEU A 104 8.25 -10.99 -16.61
N THR A 105 8.09 -10.72 -15.33
CA THR A 105 9.08 -9.98 -14.59
C THR A 105 10.44 -10.65 -14.64
N ASP A 106 10.43 -11.94 -14.35
CA ASP A 106 11.65 -12.71 -14.24
C ASP A 106 12.46 -12.67 -15.55
N VAL A 107 11.77 -12.75 -16.67
CA VAL A 107 12.34 -12.74 -17.99
C VAL A 107 12.84 -11.36 -18.37
N VAL A 108 12.11 -10.37 -17.92
CA VAL A 108 12.41 -8.96 -18.11
C VAL A 108 13.65 -8.62 -17.30
N THR A 109 13.91 -9.30 -16.20
CA THR A 109 15.01 -8.93 -15.35
C THR A 109 16.31 -9.58 -15.79
N GLU A 110 16.25 -10.67 -16.60
CA GLU A 110 17.36 -11.60 -16.73
C GLU A 110 17.73 -11.81 -18.18
N THR A 111 16.94 -11.26 -19.11
CA THR A 111 17.15 -11.47 -20.53
C THR A 111 16.87 -10.13 -21.16
N CYS A 112 17.24 -9.97 -22.42
CA CYS A 112 16.69 -8.86 -23.18
C CYS A 112 15.85 -9.44 -24.32
N MET A 113 14.72 -8.80 -24.56
CA MET A 113 13.67 -9.23 -25.47
C MET A 113 13.84 -8.37 -26.72
N ASP A 114 13.58 -8.96 -27.89
CA ASP A 114 13.56 -8.13 -29.08
C ASP A 114 12.14 -7.63 -29.27
N GLU A 115 11.94 -6.76 -30.27
CA GLU A 115 10.67 -6.14 -30.59
C GLU A 115 9.65 -7.18 -31.07
N ALA A 116 10.10 -8.22 -31.81
CA ALA A 116 9.22 -9.29 -32.26
C ALA A 116 8.67 -10.11 -31.10
N GLN A 117 9.46 -10.31 -30.06
CA GLN A 117 9.00 -11.13 -28.96
C GLN A 117 8.02 -10.35 -28.06
N ILE A 118 8.33 -9.06 -27.83
CA ILE A 118 7.48 -8.09 -27.17
C ILE A 118 6.14 -7.99 -27.92
N ALA A 119 6.17 -8.04 -29.25
CA ALA A 119 4.99 -8.00 -30.09
C ALA A 119 4.10 -9.20 -29.88
N ALA A 120 4.71 -10.35 -29.64
CA ALA A 120 3.96 -11.56 -29.34
C ALA A 120 3.26 -11.47 -28.00
N VAL A 121 3.94 -10.93 -26.98
CA VAL A 121 3.44 -10.91 -25.61
C VAL A 121 2.23 -9.99 -25.53
N CYS A 122 2.39 -8.81 -26.13
CA CYS A 122 1.39 -7.79 -26.25
C CYS A 122 0.17 -8.31 -27.01
N ARG A 123 0.39 -8.97 -28.14
CA ARG A 123 -0.70 -9.62 -28.83
C ARG A 123 -1.53 -10.50 -27.90
N GLU A 124 -0.85 -11.38 -27.11
CA GLU A 124 -1.50 -12.37 -26.27
C GLU A 124 -2.29 -11.70 -25.12
N CYS A 125 -1.65 -10.69 -24.49
CA CYS A 125 -2.23 -9.82 -23.49
C CYS A 125 -3.43 -9.06 -24.01
N LEU A 126 -3.37 -8.55 -25.24
CA LEU A 126 -4.48 -7.84 -25.82
C LEU A 126 -5.65 -8.77 -26.13
N GLN A 127 -5.41 -10.02 -26.49
CA GLN A 127 -6.49 -10.98 -26.71
C GLN A 127 -7.26 -11.20 -25.40
N ALA A 128 -6.53 -11.23 -24.27
CA ALA A 128 -7.12 -11.56 -23.00
C ALA A 128 -7.96 -10.38 -22.55
N LEU A 129 -7.37 -9.20 -22.75
CA LEU A 129 -8.00 -7.93 -22.46
C LEU A 129 -9.30 -7.75 -23.21
N GLU A 130 -9.27 -8.08 -24.49
CA GLU A 130 -10.42 -7.95 -25.37
C GLU A 130 -11.57 -8.80 -24.85
N PHE A 131 -11.22 -10.00 -24.38
CA PHE A 131 -12.15 -10.90 -23.74
C PHE A 131 -12.71 -10.33 -22.46
N LEU A 132 -11.83 -9.90 -21.54
CA LEU A 132 -12.30 -9.37 -20.27
C LEU A 132 -13.23 -8.19 -20.54
N HIS A 133 -12.80 -7.29 -21.42
CA HIS A 133 -13.58 -6.11 -21.79
C HIS A 133 -14.94 -6.45 -22.40
N ALA A 134 -15.04 -7.44 -23.28
CA ALA A 134 -16.32 -7.78 -23.88
C ALA A 134 -17.26 -8.28 -22.78
N ASN A 135 -16.71 -8.92 -21.74
CA ASN A 135 -17.49 -9.33 -20.57
C ASN A 135 -17.44 -8.35 -19.37
N GLN A 136 -17.14 -7.08 -19.60
CA GLN A 136 -17.20 -6.02 -18.59
C GLN A 136 -16.36 -6.29 -17.35
N VAL A 137 -15.19 -6.88 -17.56
CA VAL A 137 -14.19 -6.98 -16.49
C VAL A 137 -13.03 -6.06 -16.84
N ILE A 138 -12.68 -5.18 -15.89
CA ILE A 138 -11.45 -4.43 -15.90
C ILE A 138 -10.49 -5.17 -14.98
N HIS A 139 -9.25 -5.34 -15.41
CA HIS A 139 -8.33 -6.22 -14.74
C HIS A 139 -7.69 -5.49 -13.58
N ARG A 140 -7.26 -4.27 -13.89
CA ARG A 140 -6.76 -3.20 -13.02
C ARG A 140 -5.27 -3.34 -12.71
N ASN A 141 -4.68 -4.53 -12.85
CA ASN A 141 -3.33 -4.76 -12.35
C ASN A 141 -2.46 -5.45 -13.45
N ILE A 142 -2.56 -4.95 -14.64
CA ILE A 142 -1.82 -5.46 -15.76
C ILE A 142 -0.38 -5.01 -15.51
N LYS A 143 0.43 -5.88 -14.85
CA LYS A 143 1.84 -5.63 -14.59
C LYS A 143 2.63 -6.87 -15.03
N SER A 144 3.97 -6.79 -15.00
CA SER A 144 4.90 -7.90 -15.30
C SER A 144 4.57 -9.15 -14.48
N ASP A 145 4.27 -8.87 -13.19
CA ASP A 145 4.13 -9.82 -12.11
C ASP A 145 2.89 -10.68 -12.33
N ASN A 146 1.99 -10.29 -13.26
CA ASN A 146 0.71 -10.98 -13.40
C ASN A 146 0.57 -11.54 -14.79
N VAL A 147 1.74 -11.77 -15.46
CA VAL A 147 1.79 -12.42 -16.74
C VAL A 147 2.68 -13.65 -16.60
N LEU A 148 2.10 -14.83 -16.91
CA LEU A 148 2.84 -16.09 -16.91
C LEU A 148 3.24 -16.47 -18.34
N LEU A 149 4.53 -16.83 -18.55
CA LEU A 149 5.08 -17.29 -19.84
C LEU A 149 5.40 -18.75 -19.73
N GLY A 150 4.83 -19.53 -20.65
CA GLY A 150 4.75 -20.97 -20.47
C GLY A 150 5.90 -21.59 -21.25
N MET A 151 6.41 -22.71 -20.76
CA MET A 151 7.56 -23.37 -21.31
C MET A 151 7.21 -23.94 -22.68
N GLU A 152 5.94 -23.93 -23.10
CA GLU A 152 5.64 -24.19 -24.50
C GLU A 152 5.14 -22.94 -25.23
N GLY A 153 5.36 -21.76 -24.66
CA GLY A 153 5.07 -20.51 -25.37
C GLY A 153 3.73 -19.86 -25.02
N SER A 154 2.97 -20.46 -24.10
CA SER A 154 1.77 -19.82 -23.61
C SER A 154 2.08 -18.55 -22.85
N VAL A 155 1.22 -17.56 -23.09
CA VAL A 155 1.18 -16.34 -22.31
C VAL A 155 -0.14 -16.29 -21.57
N LYS A 156 -0.19 -16.06 -20.26
CA LYS A 156 -1.51 -15.87 -19.66
C LYS A 156 -1.53 -14.78 -18.60
N LEU A 157 -2.61 -13.99 -18.57
CA LEU A 157 -2.88 -13.05 -17.49
C LEU A 157 -3.40 -13.76 -16.24
N THR A 158 -3.17 -13.13 -15.10
CA THR A 158 -3.41 -13.69 -13.78
C THR A 158 -3.78 -12.53 -12.84
N ASP A 159 -4.21 -12.83 -11.61
CA ASP A 159 -4.41 -11.86 -10.50
C ASP A 159 -5.31 -10.66 -10.77
N PHE A 160 -6.53 -10.94 -11.27
CA PHE A 160 -7.60 -9.95 -11.33
C PHE A 160 -8.88 -10.47 -10.70
N GLY A 161 -9.71 -9.57 -10.14
CA GLY A 161 -11.11 -9.85 -9.82
C GLY A 161 -12.07 -8.87 -10.50
N PHE A 162 -13.23 -8.64 -9.84
CA PHE A 162 -14.19 -7.54 -10.05
C PHE A 162 -15.52 -7.92 -9.38
N CYS A 163 -16.25 -8.91 -9.95
CA CYS A 163 -17.48 -9.43 -9.36
C CYS A 163 -17.17 -10.10 -8.02
N PRO A 168 -7.99 -3.12 -3.84
CA PRO A 168 -7.09 -1.99 -4.06
C PRO A 168 -7.26 -0.64 -3.35
N GLU A 169 -8.51 -0.26 -2.98
CA GLU A 169 -8.86 1.09 -2.50
C GLU A 169 -8.21 1.42 -1.16
N GLN A 170 -7.31 2.42 -1.14
CA GLN A 170 -6.50 2.77 0.04
C GLN A 170 -7.08 4.02 0.71
N SER A 171 -7.41 3.98 2.03
CA SER A 171 -7.74 5.16 2.82
C SER A 171 -6.79 6.31 2.49
N LYS A 172 -7.34 7.46 2.06
CA LYS A 172 -6.69 8.77 1.91
C LYS A 172 -5.79 9.21 3.07
N ARG A 173 -6.12 8.80 4.30
CA ARG A 173 -5.35 9.14 5.50
C ARG A 173 -4.05 8.29 5.63
N SER A 174 -3.78 7.37 4.71
CA SER A 174 -2.69 6.42 4.79
C SER A 174 -1.53 6.93 3.92
N GLU A 175 -0.31 6.60 4.34
CA GLU A 175 0.90 6.97 3.60
C GLU A 175 0.89 6.10 2.35
N MET A 176 1.46 6.53 1.22
CA MET A 176 1.83 5.56 0.18
C MET A 176 3.25 5.04 0.42
N VAL A 177 3.42 3.72 0.37
CA VAL A 177 4.74 3.12 0.45
C VAL A 177 5.18 2.70 -0.96
N GLY A 178 4.31 1.96 -1.69
CA GLY A 178 4.63 1.54 -3.05
C GLY A 178 4.25 2.58 -4.08
N THR A 179 4.91 2.58 -5.25
CA THR A 179 4.54 3.45 -6.34
C THR A 179 3.62 2.63 -7.25
N PRO A 180 2.43 3.16 -7.65
CA PRO A 180 1.53 2.45 -8.53
C PRO A 180 1.81 2.79 -9.99
N TYR A 181 2.93 2.26 -10.48
CA TYR A 181 3.54 2.75 -11.71
C TYR A 181 2.66 2.34 -12.87
N TRP A 182 1.87 1.30 -12.71
CA TRP A 182 1.04 0.81 -13.83
C TRP A 182 -0.23 1.62 -14.05
N MET A 183 -0.60 2.51 -13.12
CA MET A 183 -1.96 3.05 -13.12
C MET A 183 -2.08 4.26 -14.05
N ALA A 184 -3.13 4.18 -14.85
CA ALA A 184 -3.43 5.25 -15.76
C ALA A 184 -3.68 6.59 -15.07
N PRO A 185 -3.59 7.73 -15.78
CA PRO A 185 -3.92 9.04 -15.26
C PRO A 185 -5.29 9.17 -14.62
N GLU A 186 -6.28 8.63 -15.35
CA GLU A 186 -7.66 8.85 -14.90
C GLU A 186 -7.87 8.07 -13.62
N VAL A 187 -7.07 7.02 -13.42
CA VAL A 187 -7.13 6.29 -12.16
C VAL A 187 -6.45 7.11 -11.08
N VAL A 188 -5.22 7.57 -11.30
CA VAL A 188 -4.55 8.13 -10.13
C VAL A 188 -5.26 9.38 -9.58
N THR A 189 -6.04 10.11 -10.38
CA THR A 189 -6.74 11.32 -9.98
C THR A 189 -8.17 10.96 -9.52
N ARG A 190 -8.40 9.64 -9.36
CA ARG A 190 -9.60 8.98 -8.84
C ARG A 190 -10.85 9.39 -9.59
N LYS A 191 -10.75 9.54 -10.92
CA LYS A 191 -11.96 9.83 -11.67
C LYS A 191 -12.70 8.52 -11.94
N ALA A 192 -13.95 8.60 -12.47
CA ALA A 192 -14.62 7.41 -12.98
C ALA A 192 -13.77 6.87 -14.14
N TYR A 193 -13.54 5.56 -14.18
CA TYR A 193 -12.72 4.96 -15.23
C TYR A 193 -13.37 3.70 -15.78
N GLY A 194 -12.79 3.27 -16.90
CA GLY A 194 -13.20 2.15 -17.71
C GLY A 194 -12.03 1.25 -18.13
N PRO A 195 -12.40 0.28 -18.99
CA PRO A 195 -11.47 -0.69 -19.57
C PRO A 195 -10.12 -0.19 -20.06
N LYS A 196 -10.10 0.95 -20.69
CA LYS A 196 -8.93 1.47 -21.31
C LYS A 196 -7.84 1.74 -20.29
N VAL A 197 -8.09 1.55 -18.99
CA VAL A 197 -6.96 1.72 -18.09
C VAL A 197 -6.01 0.51 -18.24
N ASP A 198 -6.55 -0.60 -18.64
CA ASP A 198 -5.83 -1.82 -18.83
C ASP A 198 -4.85 -1.68 -20.00
N ILE A 199 -5.28 -0.90 -21.02
CA ILE A 199 -4.50 -0.56 -22.19
C ILE A 199 -3.33 0.30 -21.78
N TRP A 200 -3.60 1.32 -20.93
CA TRP A 200 -2.60 2.16 -20.32
C TRP A 200 -1.51 1.28 -19.75
N SER A 201 -1.93 0.40 -18.85
CA SER A 201 -1.00 -0.36 -18.04
C SER A 201 -0.09 -1.28 -18.90
N LEU A 202 -0.71 -1.86 -19.93
CA LEU A 202 -0.08 -2.66 -20.97
C LEU A 202 1.05 -1.87 -21.62
N GLY A 203 0.76 -0.61 -21.91
CA GLY A 203 1.70 0.40 -22.34
C GLY A 203 2.94 0.45 -21.48
N ILE A 204 2.68 0.60 -20.20
CA ILE A 204 3.70 0.66 -19.20
C ILE A 204 4.54 -0.60 -19.19
N MET A 205 3.82 -1.72 -19.37
CA MET A 205 4.39 -3.03 -19.29
C MET A 205 5.35 -3.22 -20.51
N ALA A 206 4.92 -2.80 -21.69
CA ALA A 206 5.72 -2.75 -22.92
C ALA A 206 6.99 -1.93 -22.71
N ILE A 207 6.90 -0.76 -22.02
CA ILE A 207 8.10 -0.01 -21.75
C ILE A 207 9.03 -0.86 -20.90
N GLU A 208 8.45 -1.65 -19.98
CA GLU A 208 9.26 -2.37 -19.03
C GLU A 208 10.02 -3.47 -19.70
N MET A 209 9.37 -4.10 -20.67
CA MET A 209 9.99 -5.12 -21.53
C MET A 209 11.17 -4.60 -22.32
N VAL A 210 11.12 -3.42 -22.94
CA VAL A 210 12.26 -2.66 -23.44
C VAL A 210 13.30 -2.27 -22.38
N GLU A 211 12.94 -1.68 -21.21
CA GLU A 211 13.92 -0.94 -20.39
C GLU A 211 14.46 -1.82 -19.28
N GLY A 212 13.81 -3.00 -19.10
CA GLY A 212 14.21 -3.97 -18.10
C GLY A 212 13.56 -3.70 -16.75
N GLU A 213 12.80 -2.60 -16.64
CA GLU A 213 12.28 -2.08 -15.40
C GLU A 213 11.04 -1.23 -15.66
N PRO A 214 10.16 -1.12 -14.64
CA PRO A 214 9.06 -0.14 -14.67
C PRO A 214 9.54 1.30 -14.54
N PRO A 215 8.83 2.27 -15.16
CA PRO A 215 8.89 3.66 -14.76
C PRO A 215 8.90 3.92 -13.25
N TYR A 216 9.42 5.09 -12.87
CA TYR A 216 9.21 5.67 -11.54
C TYR A 216 9.83 4.82 -10.42
N LEU A 217 10.80 3.99 -10.75
CA LEU A 217 11.50 3.22 -9.73
C LEU A 217 12.50 4.09 -8.97
N ASN A 218 13.03 5.16 -9.58
CA ASN A 218 13.82 6.13 -8.81
C ASN A 218 12.91 7.13 -8.06
N GLU A 219 11.57 6.97 -8.13
CA GLU A 219 10.68 8.07 -7.72
C GLU A 219 9.95 7.72 -6.42
N ASN A 220 9.83 8.72 -5.55
CA ASN A 220 8.95 8.66 -4.40
C ASN A 220 7.53 8.50 -4.93
N PRO A 221 6.69 7.66 -4.28
CA PRO A 221 5.30 7.45 -4.69
C PRO A 221 4.48 8.68 -5.04
N LEU A 222 4.58 9.76 -4.24
CA LEU A 222 3.74 10.91 -4.48
C LEU A 222 4.21 11.66 -5.71
N ARG A 223 5.53 11.69 -5.94
CA ARG A 223 6.00 12.31 -7.18
C ARG A 223 5.52 11.49 -8.39
N ALA A 224 5.55 10.18 -8.25
CA ALA A 224 5.12 9.34 -9.36
C ALA A 224 3.64 9.58 -9.72
N LEU A 225 2.82 9.62 -8.70
CA LEU A 225 1.43 10.00 -8.85
C LEU A 225 1.27 11.26 -9.66
N TYR A 226 1.91 12.37 -9.19
CA TYR A 226 1.89 13.65 -9.89
C TYR A 226 2.29 13.51 -11.36
N LEU A 227 3.43 12.83 -11.61
CA LEU A 227 3.92 12.69 -13.01
C LEU A 227 2.90 11.93 -13.83
N ILE A 228 2.32 10.86 -13.27
CA ILE A 228 1.32 10.09 -14.01
C ILE A 228 0.13 10.99 -14.36
N ALA A 229 -0.29 11.91 -13.43
CA ALA A 229 -1.48 12.68 -13.66
C ALA A 229 -1.20 13.75 -14.70
N THR A 230 -0.05 14.42 -14.55
CA THR A 230 0.27 15.56 -15.41
C THR A 230 0.88 15.13 -16.73
N ASN A 231 1.88 14.24 -16.77
CA ASN A 231 2.57 13.93 -18.03
C ASN A 231 2.03 12.67 -18.71
N GLY A 232 1.60 11.70 -17.87
CA GLY A 232 1.35 10.33 -18.25
C GLY A 232 2.56 9.68 -18.89
N THR A 233 2.58 9.71 -20.24
CA THR A 233 3.38 8.91 -21.17
C THR A 233 4.87 8.82 -20.78
N PRO A 234 5.25 8.02 -19.75
CA PRO A 234 6.54 8.16 -19.01
C PRO A 234 7.86 8.70 -19.62
N GLU A 235 7.97 8.61 -20.96
CA GLU A 235 8.95 9.34 -21.76
C GLU A 235 10.28 8.57 -21.79
N LEU A 236 10.66 8.12 -22.98
CA LEU A 236 11.63 7.03 -23.07
C LEU A 236 13.07 7.53 -22.91
N GLN A 237 13.85 6.74 -22.16
CA GLN A 237 15.28 6.97 -21.99
C GLN A 237 15.91 7.36 -23.35
N ASN A 238 15.79 6.47 -24.38
CA ASN A 238 16.39 6.70 -25.68
C ASN A 238 15.49 6.34 -26.85
N PRO A 239 14.58 7.23 -27.28
CA PRO A 239 13.51 6.85 -28.22
C PRO A 239 14.01 6.11 -29.47
N GLU A 240 15.15 6.55 -29.97
CA GLU A 240 15.62 6.23 -31.30
C GLU A 240 16.01 4.75 -31.32
N LYS A 241 16.33 4.19 -30.13
CA LYS A 241 16.42 2.75 -29.91
C LYS A 241 15.19 1.94 -30.38
N LEU A 242 14.00 2.53 -30.50
CA LEU A 242 12.80 1.75 -30.81
C LEU A 242 12.42 2.01 -32.25
N SER A 243 11.91 1.01 -32.97
CA SER A 243 11.34 1.23 -34.28
C SER A 243 10.22 2.26 -34.16
N PRO A 244 10.04 3.15 -35.17
CA PRO A 244 8.88 4.02 -35.26
C PRO A 244 7.55 3.30 -35.04
N ILE A 245 7.40 2.07 -35.57
CA ILE A 245 6.10 1.43 -35.42
C ILE A 245 5.81 1.07 -33.95
N PHE A 246 6.83 0.70 -33.18
CA PHE A 246 6.67 0.33 -31.82
C PHE A 246 6.30 1.54 -30.99
N ARG A 247 7.01 2.66 -31.21
CA ARG A 247 6.70 3.92 -30.54
C ARG A 247 5.26 4.34 -30.84
N ASP A 248 4.82 4.08 -32.06
CA ASP A 248 3.45 4.44 -32.43
C ASP A 248 2.49 3.61 -31.60
N PHE A 249 2.76 2.30 -31.51
CA PHE A 249 1.97 1.41 -30.69
C PHE A 249 1.91 1.94 -29.26
N LEU A 250 3.09 2.34 -28.72
CA LEU A 250 3.16 2.83 -27.35
C LEU A 250 2.27 4.06 -27.19
N ASN A 251 2.33 4.95 -28.17
CA ASN A 251 1.60 6.18 -28.18
C ASN A 251 0.09 5.98 -28.11
N ARG A 252 -0.40 5.01 -28.87
CA ARG A 252 -1.80 4.70 -28.88
C ARG A 252 -2.30 4.09 -27.56
N CYS A 253 -1.48 3.26 -26.91
CA CYS A 253 -1.73 2.76 -25.58
C CYS A 253 -1.62 3.85 -24.52
N LEU A 254 -0.71 4.83 -24.69
CA LEU A 254 -0.38 5.78 -23.63
C LEU A 254 -0.92 7.20 -23.86
N GLU A 255 -2.02 7.25 -24.61
CA GLU A 255 -2.70 8.48 -24.92
C GLU A 255 -3.46 8.89 -23.65
N MET A 256 -3.17 10.11 -23.20
CA MET A 256 -3.62 10.59 -21.90
C MET A 256 -5.11 10.89 -21.90
N ASP A 257 -5.65 11.38 -23.03
CA ASP A 257 -7.09 11.48 -23.26
C ASP A 257 -7.68 10.09 -23.59
N VAL A 258 -8.38 9.54 -22.59
CA VAL A 258 -9.11 8.27 -22.66
C VAL A 258 -9.75 7.97 -24.02
N GLU A 259 -10.43 8.95 -24.62
CA GLU A 259 -11.21 8.72 -25.82
C GLU A 259 -10.27 8.42 -26.98
N LYS A 260 -9.12 9.10 -27.03
CA LYS A 260 -8.15 8.94 -28.11
C LYS A 260 -7.38 7.64 -27.92
N ARG A 261 -7.11 7.21 -26.68
CA ARG A 261 -6.37 6.00 -26.42
C ARG A 261 -7.13 4.83 -27.05
N GLY A 262 -6.40 3.78 -27.43
CA GLY A 262 -6.95 2.74 -28.25
C GLY A 262 -7.74 1.76 -27.39
N SER A 263 -8.77 1.14 -27.97
CA SER A 263 -9.30 -0.06 -27.35
C SER A 263 -8.42 -1.26 -27.59
N ALA A 264 -8.72 -2.29 -26.80
CA ALA A 264 -8.12 -3.58 -26.97
C ALA A 264 -8.37 -4.12 -28.40
N LYS A 265 -9.60 -3.95 -28.90
CA LYS A 265 -9.99 -4.49 -30.19
C LYS A 265 -9.27 -3.76 -31.33
N GLU A 266 -9.07 -2.44 -31.15
CA GLU A 266 -8.44 -1.58 -32.15
C GLU A 266 -7.01 -2.05 -32.33
N LEU A 267 -6.38 -2.25 -31.18
CA LEU A 267 -4.97 -2.46 -31.05
C LEU A 267 -4.55 -3.85 -31.48
N LEU A 268 -5.49 -4.78 -31.53
CA LEU A 268 -5.17 -6.07 -32.11
C LEU A 268 -4.91 -5.98 -33.60
N GLN A 269 -5.27 -4.84 -34.20
CA GLN A 269 -5.13 -4.66 -35.63
C GLN A 269 -3.94 -3.73 -35.89
N HIS A 270 -3.22 -3.30 -34.85
CA HIS A 270 -2.13 -2.38 -35.10
C HIS A 270 -0.95 -3.10 -35.77
N GLN A 271 -0.23 -2.36 -36.62
CA GLN A 271 0.82 -2.93 -37.45
C GLN A 271 1.94 -3.52 -36.58
N PHE A 272 2.05 -3.11 -35.31
CA PHE A 272 3.18 -3.53 -34.50
C PHE A 272 3.03 -5.00 -34.18
N LEU A 273 1.81 -5.55 -34.11
CA LEU A 273 1.69 -6.97 -33.75
C LEU A 273 2.05 -7.91 -34.90
N LYS A 274 2.30 -7.33 -36.07
CA LYS A 274 2.65 -8.11 -37.26
C LYS A 274 4.13 -8.49 -37.27
N LEU A 275 4.94 -7.78 -36.50
CA LEU A 275 6.25 -8.19 -36.06
C LEU A 275 6.23 -9.50 -35.28
N ALA A 276 5.12 -9.91 -34.69
CA ALA A 276 5.22 -10.94 -33.68
C ALA A 276 6.09 -12.08 -34.22
N LYS A 277 6.99 -12.67 -33.44
CA LYS A 277 7.52 -13.98 -33.71
C LYS A 277 6.54 -14.97 -33.15
N PRO A 278 6.59 -16.27 -33.56
CA PRO A 278 5.77 -17.34 -32.98
C PRO A 278 6.10 -17.42 -31.50
N LEU A 279 5.19 -18.04 -30.75
CA LEU A 279 5.26 -18.03 -29.29
C LEU A 279 6.42 -18.90 -28.80
N SER A 280 6.83 -19.86 -29.62
CA SER A 280 7.91 -20.74 -29.23
C SER A 280 9.24 -19.96 -29.06
N SER A 281 9.34 -18.79 -29.71
CA SER A 281 10.38 -17.79 -29.47
C SER A 281 10.44 -17.31 -28.03
N LEU A 282 9.42 -17.57 -27.18
CA LEU A 282 9.50 -17.06 -25.80
C LEU A 282 10.20 -18.08 -24.93
N THR A 283 10.22 -19.33 -25.37
CA THR A 283 10.71 -20.39 -24.52
C THR A 283 12.22 -20.26 -24.17
N PRO A 284 13.11 -19.76 -25.06
CA PRO A 284 14.52 -19.57 -24.69
C PRO A 284 14.68 -18.51 -23.62
N LEU A 285 13.77 -17.53 -23.65
CA LEU A 285 13.67 -16.46 -22.65
C LEU A 285 13.50 -16.99 -21.24
N ILE A 286 12.64 -17.99 -21.15
CA ILE A 286 12.33 -18.68 -19.90
C ILE A 286 13.49 -19.53 -19.43
N ALA A 287 14.06 -20.35 -20.34
CA ALA A 287 15.19 -21.12 -19.91
C ALA A 287 16.33 -20.23 -19.40
N ALA A 288 16.58 -19.11 -20.06
CA ALA A 288 17.67 -18.24 -19.59
C ALA A 288 17.31 -17.68 -18.20
N ALA A 289 16.05 -17.22 -18.06
CA ALA A 289 15.59 -16.76 -16.75
C ALA A 289 15.76 -17.83 -15.66
N LYS A 290 15.29 -19.08 -15.94
CA LYS A 290 15.57 -20.12 -14.96
C LYS A 290 17.08 -20.21 -14.65
N GLU A 291 17.95 -20.25 -15.69
CA GLU A 291 19.38 -20.44 -15.44
C GLU A 291 19.92 -19.31 -14.53
N ALA A 292 19.50 -18.08 -14.80
CA ALA A 292 20.05 -16.93 -14.09
C ALA A 292 19.67 -16.94 -12.59
N MET A 293 18.54 -17.61 -12.27
CA MET A 293 17.96 -17.53 -10.94
C MET A 293 18.36 -18.71 -10.08
N LYS A 294 19.38 -19.49 -10.46
CA LYS A 294 19.74 -20.63 -9.64
C LYS A 294 20.64 -20.17 -8.49
N SER A 295 20.44 -18.94 -8.02
CA SER A 295 21.38 -18.32 -7.10
C SER A 295 20.75 -18.22 -5.69
N GLU B 3 18.06 -10.83 -0.83
CA GLU B 3 18.10 -9.35 -0.69
C GLU B 3 18.99 -9.03 0.51
N GLU B 4 19.73 -7.95 0.35
CA GLU B 4 20.71 -7.56 1.34
C GLU B 4 20.00 -6.87 2.48
N ILE B 5 18.91 -6.18 2.16
CA ILE B 5 18.12 -5.38 3.09
C ILE B 5 17.44 -6.32 4.10
N MET B 6 16.92 -7.42 3.56
CA MET B 6 16.39 -8.54 4.32
C MET B 6 17.43 -9.13 5.26
N GLU B 7 18.63 -9.42 4.76
CA GLU B 7 19.68 -9.92 5.63
C GLU B 7 20.03 -8.91 6.71
N LYS B 8 19.99 -7.60 6.45
CA LYS B 8 20.45 -6.66 7.46
C LYS B 8 19.37 -6.54 8.56
N LEU B 9 18.10 -6.77 8.18
CA LEU B 9 16.97 -6.77 9.10
C LEU B 9 17.08 -8.00 10.00
N ARG B 10 17.51 -9.13 9.44
CA ARG B 10 17.57 -10.29 10.29
C ARG B 10 18.59 -10.11 11.42
N THR B 11 19.61 -9.26 11.24
CA THR B 11 20.61 -9.03 12.29
C THR B 11 20.00 -8.26 13.47
N ILE B 12 18.92 -7.53 13.25
CA ILE B 12 18.25 -6.70 14.26
C ILE B 12 17.34 -7.55 15.16
N VAL B 13 16.63 -8.50 14.56
CA VAL B 13 15.65 -9.36 15.18
C VAL B 13 16.28 -10.42 16.07
N SER B 14 15.46 -10.84 17.05
CA SER B 14 15.82 -11.81 18.06
C SER B 14 15.35 -13.19 17.64
N ILE B 15 16.06 -14.15 18.19
CA ILE B 15 15.75 -15.56 18.10
C ILE B 15 14.57 -15.81 19.01
N GLY B 16 13.58 -16.51 18.48
CA GLY B 16 12.48 -16.91 19.33
C GLY B 16 11.20 -17.09 18.51
N ASP B 17 10.36 -18.02 19.01
CA ASP B 17 8.97 -18.10 18.59
C ASP B 17 8.21 -17.10 19.46
N PRO B 18 7.49 -16.13 18.87
CA PRO B 18 6.56 -15.29 19.63
C PRO B 18 5.54 -15.99 20.56
N LYS B 19 5.21 -17.27 20.30
CA LYS B 19 4.28 -18.02 21.13
C LYS B 19 4.93 -18.25 22.51
N LYS B 20 6.22 -18.63 22.48
CA LYS B 20 6.96 -19.03 23.66
C LYS B 20 6.94 -17.91 24.71
N LYS B 21 7.18 -16.67 24.27
CA LYS B 21 7.50 -15.57 25.19
C LYS B 21 6.32 -14.61 25.36
N TYR B 22 5.42 -14.50 24.36
CA TYR B 22 4.17 -13.74 24.48
C TYR B 22 3.00 -14.73 24.35
N THR B 23 1.99 -14.57 25.23
CA THR B 23 0.72 -15.31 25.14
C THR B 23 -0.46 -14.35 25.30
N ARG B 24 -1.67 -14.88 25.31
CA ARG B 24 -2.87 -14.06 25.44
C ARG B 24 -2.83 -12.96 24.40
N TYR B 25 -2.70 -13.39 23.14
CA TYR B 25 -2.80 -12.49 22.01
C TYR B 25 -4.26 -12.23 21.61
N GLU B 26 -4.67 -10.96 21.60
CA GLU B 26 -5.98 -10.57 21.07
C GLU B 26 -5.80 -9.37 20.13
N LYS B 27 -6.53 -9.40 19.01
CA LYS B 27 -6.36 -8.40 17.97
C LYS B 27 -6.93 -7.07 18.47
N ILE B 28 -6.40 -5.96 17.92
CA ILE B 28 -6.88 -4.61 18.21
C ILE B 28 -6.74 -3.64 17.02
N GLY B 29 -6.34 -4.09 15.83
CA GLY B 29 -6.22 -3.17 14.70
C GLY B 29 -5.46 -3.78 13.52
N GLN B 30 -5.65 -3.19 12.33
CA GLN B 30 -5.42 -3.88 11.06
C GLN B 30 -5.27 -2.86 9.95
N GLY B 31 -4.80 -3.31 8.78
CA GLY B 31 -4.78 -2.46 7.60
C GLY B 31 -3.43 -2.47 6.87
N ALA B 32 -3.17 -1.33 6.21
CA ALA B 32 -2.02 -1.15 5.35
C ALA B 32 -0.77 -1.64 6.06
N SER B 33 -0.16 -0.72 6.82
CA SER B 33 1.00 -0.98 7.67
C SER B 33 1.27 -2.47 7.93
N GLY B 34 0.28 -3.20 8.49
CA GLY B 34 0.42 -4.51 9.10
C GLY B 34 -0.76 -4.77 10.06
N THR B 35 -0.56 -5.56 11.13
CA THR B 35 -1.64 -6.02 11.99
C THR B 35 -1.26 -5.86 13.46
N VAL B 36 -2.13 -5.21 14.25
CA VAL B 36 -1.77 -4.83 15.61
C VAL B 36 -2.56 -5.67 16.60
N PHE B 37 -1.87 -6.16 17.61
CA PHE B 37 -2.43 -7.00 18.64
C PHE B 37 -2.00 -6.48 20.01
N THR B 38 -2.57 -7.12 21.02
CA THR B 38 -2.12 -7.00 22.39
C THR B 38 -1.63 -8.36 22.84
N ALA B 39 -0.87 -8.40 23.93
CA ALA B 39 -0.55 -9.68 24.50
C ALA B 39 0.15 -9.47 25.84
N THR B 40 0.48 -10.56 26.54
CA THR B 40 1.26 -10.52 27.77
C THR B 40 2.63 -11.18 27.54
N ASP B 41 3.70 -10.49 28.01
CA ASP B 41 4.99 -11.12 28.22
C ASP B 41 4.85 -12.21 29.28
N VAL B 42 5.13 -13.46 28.84
CA VAL B 42 4.99 -14.64 29.68
C VAL B 42 6.03 -14.58 30.80
N ALA B 43 7.10 -13.80 30.60
CA ALA B 43 8.21 -13.73 31.54
C ALA B 43 8.21 -12.42 32.37
N LEU B 44 7.27 -11.49 32.15
CA LEU B 44 7.11 -10.28 32.96
C LEU B 44 5.65 -10.15 33.47
N GLY B 45 4.75 -11.06 33.05
CA GLY B 45 3.33 -10.90 33.30
C GLY B 45 2.83 -9.49 33.01
N GLN B 46 3.30 -8.93 31.88
CA GLN B 46 3.03 -7.55 31.47
C GLN B 46 2.46 -7.56 30.06
N GLU B 47 1.68 -6.54 29.69
CA GLU B 47 1.02 -6.51 28.40
C GLU B 47 1.80 -5.63 27.43
N VAL B 48 1.67 -5.91 26.13
CA VAL B 48 2.46 -5.26 25.10
C VAL B 48 1.58 -5.15 23.86
N ALA B 49 1.92 -4.18 23.00
CA ALA B 49 1.39 -4.14 21.64
C ALA B 49 2.32 -4.91 20.72
N ILE B 50 1.75 -5.65 19.74
CA ILE B 50 2.52 -6.38 18.74
C ILE B 50 2.04 -6.03 17.33
N LYS B 51 2.97 -5.64 16.44
CA LYS B 51 2.64 -5.34 15.05
C LYS B 51 3.37 -6.28 14.07
N GLN B 52 2.54 -6.86 13.19
CA GLN B 52 2.89 -8.02 12.38
C GLN B 52 2.91 -7.58 10.93
N ILE B 53 4.02 -7.88 10.24
CA ILE B 53 4.17 -7.44 8.86
C ILE B 53 4.60 -8.64 8.04
N ASN B 54 3.91 -8.79 6.93
CA ASN B 54 4.39 -9.66 5.89
C ASN B 54 5.35 -8.84 5.05
N LEU B 55 6.60 -9.29 5.06
CA LEU B 55 7.69 -8.54 4.45
C LEU B 55 7.67 -8.76 2.95
N GLN B 56 7.26 -9.95 2.51
CA GLN B 56 7.20 -10.21 1.09
C GLN B 56 6.18 -9.24 0.50
N LYS B 57 5.05 -9.04 1.20
CA LYS B 57 4.01 -8.14 0.73
C LYS B 57 4.36 -6.66 0.94
N GLN B 58 5.65 -6.31 1.08
CA GLN B 58 6.06 -5.01 1.60
C GLN B 58 7.32 -4.52 0.90
N PRO B 59 7.23 -3.51 0.01
CA PRO B 59 8.42 -2.92 -0.61
C PRO B 59 9.12 -1.85 0.24
N LYS B 60 10.35 -1.49 -0.12
CA LYS B 60 11.15 -0.53 0.64
C LYS B 60 11.34 -0.95 2.11
N LYS B 61 12.19 -1.96 2.34
CA LYS B 61 12.30 -2.60 3.65
C LYS B 61 13.23 -1.81 4.54
N GLU B 62 13.95 -0.80 4.02
CA GLU B 62 14.71 0.07 4.91
C GLU B 62 13.74 0.91 5.77
N LEU B 63 12.46 1.04 5.39
CA LEU B 63 11.49 1.79 6.17
C LEU B 63 11.22 1.09 7.49
N ILE B 64 11.32 -0.24 7.44
CA ILE B 64 11.11 -1.02 8.65
C ILE B 64 12.39 -0.93 9.47
N ILE B 65 13.55 -1.16 8.84
CA ILE B 65 14.84 -1.01 9.51
C ILE B 65 14.91 0.33 10.26
N ASN B 66 14.65 1.42 9.53
CA ASN B 66 14.84 2.76 10.03
C ASN B 66 13.84 3.06 11.18
N GLU B 67 12.65 2.49 11.10
CA GLU B 67 11.65 2.68 12.12
C GLU B 67 12.08 1.96 13.38
N ILE B 68 12.69 0.77 13.23
CA ILE B 68 13.21 0.03 14.39
C ILE B 68 14.40 0.76 15.03
N LEU B 69 15.40 1.20 14.23
CA LEU B 69 16.57 1.92 14.70
C LEU B 69 16.26 3.23 15.45
N VAL B 70 15.20 3.94 15.03
CA VAL B 70 14.80 5.16 15.70
C VAL B 70 14.25 4.80 17.09
N MET B 71 13.39 3.78 17.14
CA MET B 71 12.83 3.39 18.41
C MET B 71 13.95 2.87 19.29
N LYS B 72 14.93 2.14 18.75
CA LYS B 72 15.98 1.61 19.61
C LYS B 72 16.83 2.74 20.19
N GLU B 73 17.13 3.75 19.37
CA GLU B 73 18.14 4.73 19.71
C GLU B 73 17.55 5.94 20.40
N LEU B 74 16.25 6.23 20.23
CA LEU B 74 15.70 7.50 20.64
C LEU B 74 14.44 7.22 21.44
N LYS B 75 14.64 6.61 22.60
CA LYS B 75 13.60 6.51 23.61
C LYS B 75 13.33 7.90 24.17
N ASN B 76 12.05 8.22 24.40
CA ASN B 76 11.63 9.47 25.05
C ASN B 76 10.22 9.30 25.64
N PRO B 77 9.83 9.98 26.75
CA PRO B 77 8.47 9.82 27.28
C PRO B 77 7.35 9.95 26.23
N ASN B 78 7.57 10.82 25.25
CA ASN B 78 6.58 11.17 24.26
C ASN B 78 6.79 10.41 22.95
N ILE B 79 7.60 9.36 22.91
CA ILE B 79 7.65 8.45 21.74
C ILE B 79 7.26 7.05 22.17
N VAL B 80 6.37 6.35 21.46
CA VAL B 80 6.06 5.00 21.90
C VAL B 80 7.34 4.18 21.92
N ASN B 81 7.48 3.26 22.87
CA ASN B 81 8.73 2.53 23.03
C ASN B 81 8.69 1.13 22.36
N PHE B 82 9.76 0.83 21.60
CA PHE B 82 10.10 -0.49 21.07
C PHE B 82 10.77 -1.39 22.11
N LEU B 83 10.26 -2.62 22.26
CA LEU B 83 10.80 -3.57 23.22
C LEU B 83 11.62 -4.65 22.52
N ASP B 84 11.04 -5.32 21.51
CA ASP B 84 11.77 -6.36 20.80
C ASP B 84 11.13 -6.69 19.46
N SER B 85 11.64 -7.72 18.82
CA SER B 85 11.38 -8.01 17.41
C SER B 85 11.65 -9.48 17.18
N TYR B 86 10.82 -10.16 16.36
CA TYR B 86 10.91 -11.59 16.13
C TYR B 86 10.48 -11.85 14.69
N LEU B 87 11.04 -12.90 14.06
CA LEU B 87 10.73 -13.21 12.67
C LEU B 87 10.34 -14.69 12.60
N VAL B 88 9.31 -15.01 11.81
CA VAL B 88 8.89 -16.39 11.60
C VAL B 88 8.19 -16.47 10.23
N GLY B 89 8.83 -17.23 9.32
CA GLY B 89 8.54 -17.11 7.92
C GLY B 89 9.16 -15.82 7.46
N ASP B 90 8.45 -15.11 6.58
CA ASP B 90 8.85 -13.75 6.22
C ASP B 90 7.88 -12.75 6.87
N GLU B 91 7.32 -13.09 8.04
CA GLU B 91 6.60 -12.05 8.77
C GLU B 91 7.19 -11.73 10.14
N LEU B 92 7.27 -10.44 10.32
CA LEU B 92 8.06 -9.80 11.34
C LEU B 92 7.09 -9.37 12.41
N PHE B 93 7.35 -9.76 13.66
CA PHE B 93 6.58 -9.27 14.79
C PHE B 93 7.37 -8.19 15.51
N VAL B 94 6.90 -6.94 15.43
CA VAL B 94 7.49 -5.86 16.21
C VAL B 94 6.72 -5.64 17.51
N VAL B 95 7.41 -5.72 18.65
CA VAL B 95 6.83 -5.60 19.97
C VAL B 95 7.18 -4.25 20.60
N MET B 96 6.09 -3.55 20.99
CA MET B 96 6.12 -2.22 21.56
C MET B 96 5.24 -2.09 22.81
N GLU B 97 5.42 -0.97 23.52
CA GLU B 97 4.58 -0.68 24.69
C GLU B 97 3.15 -0.37 24.25
N TYR B 98 2.16 -1.01 24.86
CA TYR B 98 0.75 -0.74 24.56
C TYR B 98 0.27 0.55 25.23
N LEU B 99 -0.48 1.39 24.52
CA LEU B 99 -1.24 2.46 25.13
C LEU B 99 -2.71 2.14 24.91
N ALA B 100 -3.49 2.03 26.00
CA ALA B 100 -4.91 1.67 25.97
C ALA B 100 -5.87 2.70 25.35
N GLY B 101 -5.57 3.99 25.44
CA GLY B 101 -6.46 4.99 24.86
C GLY B 101 -6.70 4.92 23.34
N GLY B 102 -5.76 4.43 22.55
CA GLY B 102 -5.98 4.51 21.11
C GLY B 102 -5.67 5.89 20.53
N SER B 103 -6.12 6.11 19.29
CA SER B 103 -5.53 7.14 18.45
C SER B 103 -6.26 8.46 18.59
N LEU B 104 -5.50 9.51 18.34
CA LEU B 104 -6.01 10.85 18.42
C LEU B 104 -7.00 11.04 17.29
N THR B 105 -6.88 10.26 16.24
CA THR B 105 -7.85 10.30 15.15
C THR B 105 -9.26 10.06 15.69
N ASP B 106 -9.43 9.06 16.58
CA ASP B 106 -10.72 8.68 17.18
C ASP B 106 -11.28 9.83 18.00
N VAL B 107 -10.42 10.48 18.79
CA VAL B 107 -10.80 11.68 19.50
C VAL B 107 -11.22 12.83 18.57
N VAL B 108 -10.42 13.15 17.52
CA VAL B 108 -10.68 14.34 16.72
C VAL B 108 -11.90 14.10 15.80
N THR B 109 -12.21 12.85 15.53
CA THR B 109 -13.23 12.56 14.54
C THR B 109 -14.58 12.49 15.23
N GLU B 110 -14.64 12.18 16.53
CA GLU B 110 -15.88 11.78 17.20
C GLU B 110 -16.20 12.63 18.45
N THR B 111 -15.43 13.68 18.72
CA THR B 111 -15.51 14.42 19.95
C THR B 111 -15.16 15.87 19.72
N CYS B 112 -15.66 16.73 20.61
CA CYS B 112 -15.26 18.12 20.63
C CYS B 112 -14.22 18.33 21.73
N MET B 113 -13.12 19.04 21.45
CA MET B 113 -12.03 19.23 22.41
C MET B 113 -12.01 20.71 22.80
N ASP B 114 -11.88 21.08 24.05
CA ASP B 114 -11.72 22.51 24.31
C ASP B 114 -10.28 22.95 24.05
N GLU B 115 -10.01 24.24 24.29
CA GLU B 115 -8.73 24.88 24.13
C GLU B 115 -7.68 24.33 25.09
N ALA B 116 -8.12 23.99 26.29
CA ALA B 116 -7.27 23.38 27.30
C ALA B 116 -6.76 21.98 26.92
N GLN B 117 -7.60 21.21 26.23
CA GLN B 117 -7.35 19.82 25.95
C GLN B 117 -6.36 19.82 24.79
N ILE B 118 -6.61 20.71 23.83
CA ILE B 118 -5.82 20.93 22.65
C ILE B 118 -4.45 21.41 23.07
N ALA B 119 -4.36 22.25 24.11
CA ALA B 119 -3.08 22.84 24.48
C ALA B 119 -2.23 21.77 25.11
N ALA B 120 -2.87 20.85 25.85
CA ALA B 120 -2.16 19.79 26.51
C ALA B 120 -1.57 18.79 25.51
N VAL B 121 -2.36 18.41 24.50
CA VAL B 121 -1.94 17.50 23.45
C VAL B 121 -0.79 18.08 22.62
N CYS B 122 -1.00 19.24 21.99
CA CYS B 122 0.02 20.00 21.30
C CYS B 122 1.34 20.12 22.08
N ARG B 123 1.24 20.37 23.39
CA ARG B 123 2.43 20.45 24.20
C ARG B 123 3.19 19.15 24.16
N GLU B 124 2.46 18.02 24.35
CA GLU B 124 3.06 16.70 24.46
C GLU B 124 3.74 16.29 23.15
N CYS B 125 3.05 16.67 22.08
CA CYS B 125 3.53 16.57 20.71
C CYS B 125 4.75 17.44 20.45
N LEU B 126 4.80 18.65 20.95
CA LEU B 126 5.95 19.49 20.78
C LEU B 126 7.16 18.99 21.54
N GLN B 127 6.94 18.36 22.69
CA GLN B 127 8.08 17.81 23.43
C GLN B 127 8.77 16.71 22.62
N ALA B 128 7.98 15.86 21.93
CA ALA B 128 8.49 14.78 21.11
C ALA B 128 9.33 15.37 19.98
N LEU B 129 8.73 16.29 19.24
CA LEU B 129 9.39 16.96 18.16
C LEU B 129 10.70 17.63 18.57
N GLU B 130 10.71 18.28 19.74
CA GLU B 130 11.88 18.97 20.26
C GLU B 130 13.03 17.98 20.43
N PHE B 131 12.70 16.79 20.93
CA PHE B 131 13.67 15.76 21.19
C PHE B 131 14.15 15.20 19.85
N LEU B 132 13.23 14.80 18.92
CA LEU B 132 13.69 14.31 17.61
C LEU B 132 14.60 15.31 16.92
N HIS B 133 14.12 16.55 16.87
CA HIS B 133 14.82 17.62 16.22
C HIS B 133 16.16 17.89 16.90
N ALA B 134 16.28 17.84 18.22
CA ALA B 134 17.61 18.13 18.77
C ALA B 134 18.58 17.03 18.33
N ASN B 135 18.08 15.85 17.99
CA ASN B 135 18.83 14.69 17.55
C ASN B 135 18.78 14.52 16.02
N GLN B 136 18.50 15.58 15.25
CA GLN B 136 18.64 15.62 13.82
C GLN B 136 17.76 14.60 13.08
N VAL B 137 16.57 14.33 13.63
CA VAL B 137 15.58 13.49 12.97
C VAL B 137 14.36 14.33 12.64
N ILE B 138 13.91 14.25 11.37
CA ILE B 138 12.67 14.84 10.91
C ILE B 138 11.67 13.71 10.78
N HIS B 139 10.43 13.88 11.28
CA HIS B 139 9.49 12.80 11.45
C HIS B 139 8.82 12.55 10.11
N ARG B 140 8.32 13.69 9.54
CA ARG B 140 7.73 13.91 8.22
C ARG B 140 6.34 13.29 8.02
N ASN B 141 5.81 12.53 8.97
CA ASN B 141 4.41 12.07 8.83
C ASN B 141 3.58 12.28 10.11
N ILE B 142 3.73 13.45 10.69
CA ILE B 142 2.91 13.91 11.82
C ILE B 142 1.46 14.12 11.42
N LYS B 143 0.60 13.40 12.07
CA LYS B 143 -0.83 13.54 11.85
C LYS B 143 -1.47 12.89 13.05
N SER B 144 -2.80 13.08 13.19
CA SER B 144 -3.50 12.53 14.35
C SER B 144 -3.37 11.03 14.34
N ASP B 145 -3.15 10.40 13.14
CA ASP B 145 -3.13 8.95 13.08
C ASP B 145 -1.88 8.34 13.67
N ASN B 146 -0.88 9.17 14.02
CA ASN B 146 0.35 8.68 14.60
C ASN B 146 0.62 9.26 15.97
N VAL B 147 -0.48 9.55 16.65
CA VAL B 147 -0.51 9.98 18.08
C VAL B 147 -1.42 9.02 18.84
N LEU B 148 -0.81 8.31 19.81
CA LEU B 148 -1.55 7.45 20.71
C LEU B 148 -1.80 8.16 22.03
N LEU B 149 -2.93 7.82 22.65
CA LEU B 149 -3.26 8.29 23.99
C LEU B 149 -3.31 7.12 24.93
N GLY B 150 -2.72 7.28 26.12
CA GLY B 150 -2.83 6.30 27.20
C GLY B 150 -4.13 6.46 28.01
N MET B 151 -4.53 5.39 28.72
CA MET B 151 -5.85 5.29 29.33
C MET B 151 -6.06 6.46 30.31
N GLU B 152 -4.93 7.03 30.76
CA GLU B 152 -4.78 8.04 31.79
C GLU B 152 -4.17 9.28 31.15
N GLY B 153 -4.26 9.36 29.82
CA GLY B 153 -4.00 10.53 29.01
C GLY B 153 -2.53 10.79 28.72
N SER B 154 -1.72 9.74 28.61
CA SER B 154 -0.46 9.90 27.91
C SER B 154 -0.67 10.28 26.44
N VAL B 155 0.24 11.13 25.97
CA VAL B 155 0.27 11.48 24.58
C VAL B 155 1.61 10.99 23.97
N LYS B 156 1.51 10.07 23.02
CA LYS B 156 2.75 9.55 22.42
C LYS B 156 2.72 9.48 20.90
N LEU B 157 3.89 9.73 20.30
CA LEU B 157 4.13 9.60 18.87
C LEU B 157 4.50 8.20 18.41
N THR B 158 4.28 7.97 17.13
CA THR B 158 4.52 6.67 16.52
C THR B 158 4.78 6.77 15.01
N ASP B 159 4.96 5.60 14.37
CA ASP B 159 5.18 5.44 12.93
C ASP B 159 6.34 6.32 12.51
N PHE B 160 7.55 5.81 12.69
CA PHE B 160 8.77 6.54 12.37
C PHE B 160 9.39 6.04 11.08
N GLY B 161 8.60 5.40 10.21
CA GLY B 161 9.08 4.77 9.01
C GLY B 161 9.43 5.78 7.92
N PHE B 162 9.00 7.02 8.12
CA PHE B 162 9.32 8.06 7.15
C PHE B 162 10.34 9.06 7.71
N CYS B 163 10.91 8.74 8.86
CA CYS B 163 11.93 9.60 9.52
C CYS B 163 13.17 9.82 8.67
N ALA B 164 13.75 11.02 8.80
CA ALA B 164 14.97 11.38 8.07
C ALA B 164 16.00 12.02 9.00
N GLN B 165 17.26 11.56 8.87
CA GLN B 165 18.42 12.13 9.55
C GLN B 165 19.09 13.18 8.63
N ILE B 166 19.41 14.37 9.16
CA ILE B 166 20.12 15.44 8.43
C ILE B 166 21.45 15.77 9.15
N THR B 167 22.32 16.68 8.57
CA THR B 167 23.76 16.77 8.89
C THR B 167 24.28 18.15 9.30
N ARG B 173 15.79 16.25 3.02
CA ARG B 173 15.66 17.71 2.77
C ARG B 173 15.05 18.07 1.40
N SER B 174 14.52 17.15 0.55
CA SER B 174 13.96 17.64 -0.73
C SER B 174 12.78 16.89 -1.40
N GLU B 175 12.47 15.65 -0.96
CA GLU B 175 11.59 14.66 -1.61
C GLU B 175 10.16 14.76 -1.08
N MET B 176 9.16 14.27 -1.85
CA MET B 176 7.76 14.58 -1.52
C MET B 176 7.23 13.48 -0.64
N VAL B 177 7.67 13.51 0.61
CA VAL B 177 7.43 12.43 1.54
C VAL B 177 6.47 12.98 2.60
N GLY B 178 5.55 12.18 3.09
CA GLY B 178 4.54 12.67 3.99
C GLY B 178 3.13 12.18 3.60
N THR B 179 2.09 12.59 4.37
CA THR B 179 0.72 12.35 3.94
C THR B 179 0.19 13.66 3.40
N PRO B 180 -0.36 13.73 2.16
CA PRO B 180 -0.68 15.01 1.52
C PRO B 180 -1.32 16.11 2.39
N TYR B 181 -2.42 15.78 3.10
CA TYR B 181 -3.19 16.79 3.80
C TYR B 181 -2.31 17.45 4.84
N TRP B 182 -1.28 16.73 5.36
CA TRP B 182 -0.44 17.18 6.42
C TRP B 182 0.91 17.77 6.02
N MET B 183 1.17 17.96 4.72
CA MET B 183 2.54 18.20 4.30
C MET B 183 2.73 19.69 4.19
N ALA B 184 3.86 20.21 4.72
CA ALA B 184 4.16 21.60 4.49
C ALA B 184 4.27 21.89 2.99
N PRO B 185 4.00 23.17 2.61
CA PRO B 185 4.01 23.53 1.20
C PRO B 185 5.37 23.35 0.52
N GLU B 186 6.44 23.41 1.30
CA GLU B 186 7.79 23.38 0.79
C GLU B 186 8.12 21.94 0.41
N VAL B 187 7.49 20.99 1.09
CA VAL B 187 7.71 19.58 0.81
C VAL B 187 6.97 19.26 -0.47
N VAL B 188 5.76 19.82 -0.55
CA VAL B 188 4.89 19.64 -1.70
C VAL B 188 5.55 20.16 -2.98
N THR B 189 6.23 21.33 -2.94
CA THR B 189 6.70 22.02 -4.13
C THR B 189 8.16 21.69 -4.43
N ARG B 190 8.67 20.71 -3.64
CA ARG B 190 9.97 20.09 -3.70
C ARG B 190 11.11 21.05 -3.45
N LYS B 191 10.92 22.02 -2.58
CA LYS B 191 12.05 22.89 -2.21
C LYS B 191 12.87 22.21 -1.12
N ALA B 192 14.04 22.75 -0.79
CA ALA B 192 14.87 22.18 0.27
C ALA B 192 14.12 22.42 1.57
N TYR B 193 14.13 21.50 2.55
CA TYR B 193 13.34 21.68 3.75
C TYR B 193 14.08 21.12 4.97
N GLY B 194 13.60 21.51 6.16
CA GLY B 194 14.12 20.96 7.39
C GLY B 194 13.06 20.66 8.44
N PRO B 195 13.45 20.64 9.71
CA PRO B 195 12.59 20.07 10.73
C PRO B 195 11.27 20.83 10.89
N LYS B 196 11.19 22.02 10.34
CA LYS B 196 10.03 22.83 10.58
C LYS B 196 8.86 22.34 9.78
N VAL B 197 9.06 21.34 8.96
CA VAL B 197 7.91 20.75 8.23
C VAL B 197 7.00 20.04 9.23
N ASP B 198 7.65 19.52 10.27
CA ASP B 198 7.03 18.80 11.32
C ASP B 198 6.10 19.74 12.10
N ILE B 199 6.42 21.05 12.19
CA ILE B 199 5.67 22.03 12.96
C ILE B 199 4.44 22.39 12.16
N TRP B 200 4.61 22.53 10.85
CA TRP B 200 3.52 22.61 9.90
C TRP B 200 2.53 21.48 10.16
N SER B 201 3.01 20.27 10.20
CA SER B 201 2.13 19.13 10.28
C SER B 201 1.38 19.14 11.62
N LEU B 202 2.02 19.66 12.68
CA LEU B 202 1.45 19.79 14.03
C LEU B 202 0.29 20.77 14.00
N GLY B 203 0.54 21.87 13.30
CA GLY B 203 -0.40 22.92 12.95
C GLY B 203 -1.65 22.33 12.34
N ILE B 204 -1.48 21.56 11.31
CA ILE B 204 -2.58 20.92 10.63
C ILE B 204 -3.31 20.02 11.61
N MET B 205 -2.53 19.30 12.44
CA MET B 205 -3.09 18.34 13.35
C MET B 205 -3.98 19.07 14.43
N ALA B 206 -3.61 20.32 14.79
CA ALA B 206 -4.38 21.22 15.67
C ALA B 206 -5.62 21.77 14.96
N ILE B 207 -5.55 21.88 13.62
CA ILE B 207 -6.75 22.06 12.82
C ILE B 207 -7.66 20.85 12.98
N GLU B 208 -7.14 19.63 12.91
CA GLU B 208 -7.92 18.41 13.07
C GLU B 208 -8.67 18.53 14.41
N MET B 209 -7.98 19.08 15.43
CA MET B 209 -8.52 19.04 16.77
C MET B 209 -9.72 19.98 16.92
N VAL B 210 -9.70 21.07 16.17
CA VAL B 210 -10.73 22.07 16.06
C VAL B 210 -11.85 21.71 15.11
N GLU B 211 -11.55 21.16 13.94
CA GLU B 211 -12.51 21.03 12.84
C GLU B 211 -12.89 19.58 12.60
N GLY B 212 -12.07 18.66 13.14
CA GLY B 212 -12.32 17.24 13.10
C GLY B 212 -11.62 16.51 11.93
N GLU B 213 -11.05 17.29 10.99
CA GLU B 213 -10.29 16.82 9.86
C GLU B 213 -9.27 17.86 9.45
N PRO B 214 -8.22 17.49 8.68
CA PRO B 214 -7.28 18.48 8.12
C PRO B 214 -7.98 19.14 6.96
N PRO B 215 -7.51 20.31 6.50
CA PRO B 215 -8.05 20.90 5.28
C PRO B 215 -8.10 19.97 4.03
N TYR B 216 -9.06 20.15 3.12
CA TYR B 216 -9.14 19.44 1.84
C TYR B 216 -9.39 17.96 1.95
N LEU B 217 -9.67 17.42 3.11
CA LEU B 217 -9.88 15.98 3.23
C LEU B 217 -11.04 15.45 2.38
N ASN B 218 -11.99 16.31 2.01
CA ASN B 218 -13.05 15.96 1.06
C ASN B 218 -12.47 15.70 -0.35
N GLU B 219 -11.23 16.11 -0.62
CA GLU B 219 -10.68 16.00 -1.97
C GLU B 219 -9.69 14.84 -2.08
N ASN B 220 -9.49 14.35 -3.31
CA ASN B 220 -8.50 13.31 -3.62
C ASN B 220 -7.09 13.86 -3.41
N PRO B 221 -6.10 13.01 -3.02
CA PRO B 221 -4.76 13.49 -2.61
C PRO B 221 -4.02 14.38 -3.62
N LEU B 222 -4.13 14.11 -4.92
CA LEU B 222 -3.50 14.99 -5.88
C LEU B 222 -4.15 16.35 -5.88
N ARG B 223 -5.47 16.39 -5.84
CA ARG B 223 -6.14 17.68 -5.69
C ARG B 223 -5.68 18.38 -4.42
N ALA B 224 -5.48 17.64 -3.34
CA ALA B 224 -5.05 18.28 -2.09
C ALA B 224 -3.70 18.95 -2.25
N LEU B 225 -2.77 18.26 -2.91
CA LEU B 225 -1.41 18.69 -2.92
C LEU B 225 -1.43 19.99 -3.69
N TYR B 226 -2.28 20.00 -4.73
CA TYR B 226 -2.50 21.20 -5.52
C TYR B 226 -3.00 22.38 -4.65
N LEU B 227 -3.98 22.10 -3.81
CA LEU B 227 -4.67 23.16 -3.09
C LEU B 227 -3.63 23.69 -2.10
N ILE B 228 -2.78 22.79 -1.60
CA ILE B 228 -1.74 23.17 -0.67
C ILE B 228 -0.73 24.10 -1.34
N ALA B 229 -0.41 23.86 -2.62
CA ALA B 229 0.61 24.65 -3.29
C ALA B 229 0.02 25.99 -3.74
N THR B 230 -1.20 25.95 -4.26
CA THR B 230 -1.94 27.15 -4.67
C THR B 230 -2.38 28.01 -3.46
N ASN B 231 -2.84 27.48 -2.33
CA ASN B 231 -3.44 28.37 -1.31
C ASN B 231 -2.49 28.71 -0.17
N GLY B 232 -1.48 27.85 0.13
CA GLY B 232 -0.59 28.06 1.27
C GLY B 232 -1.35 27.96 2.60
N THR B 233 -1.15 28.96 3.49
CA THR B 233 -1.70 28.88 4.84
C THR B 233 -3.20 28.62 4.80
N PRO B 234 -3.76 27.54 5.37
CA PRO B 234 -5.15 27.19 5.09
C PRO B 234 -6.03 28.08 5.96
N GLU B 235 -7.28 28.14 5.53
CA GLU B 235 -8.35 28.92 6.11
C GLU B 235 -9.11 28.05 7.10
N LEU B 236 -9.42 28.56 8.30
CA LEU B 236 -10.32 27.79 9.15
C LEU B 236 -11.74 28.08 8.72
N GLN B 237 -12.62 27.08 8.84
CA GLN B 237 -14.05 27.27 8.60
C GLN B 237 -14.62 28.41 9.50
N ASN B 238 -14.31 28.43 10.78
CA ASN B 238 -14.95 29.33 11.76
C ASN B 238 -13.95 30.01 12.68
N PRO B 239 -13.07 30.88 12.13
CA PRO B 239 -11.99 31.46 12.93
C PRO B 239 -12.47 32.22 14.18
N GLU B 240 -13.48 33.07 14.02
CA GLU B 240 -14.03 33.86 15.13
C GLU B 240 -14.29 33.07 16.41
N LYS B 241 -14.32 31.73 16.42
CA LYS B 241 -14.60 30.95 17.65
C LYS B 241 -13.37 30.61 18.48
N LEU B 242 -12.18 31.07 18.07
CA LEU B 242 -10.96 30.66 18.74
C LEU B 242 -10.43 31.82 19.56
N SER B 243 -9.72 31.53 20.64
CA SER B 243 -9.14 32.62 21.44
C SER B 243 -8.08 33.30 20.61
N PRO B 244 -7.88 34.62 20.72
CA PRO B 244 -6.73 35.26 20.07
C PRO B 244 -5.40 34.56 20.32
N ILE B 245 -5.19 34.01 21.52
CA ILE B 245 -3.92 33.36 21.79
C ILE B 245 -3.73 32.06 20.99
N PHE B 246 -4.80 31.27 20.82
CA PHE B 246 -4.73 30.07 20.04
C PHE B 246 -4.47 30.40 18.57
N ARG B 247 -5.18 31.40 18.01
CA ARG B 247 -4.97 31.78 16.63
C ARG B 247 -3.51 32.14 16.45
N ASP B 248 -2.95 32.86 17.43
CA ASP B 248 -1.55 33.24 17.26
C ASP B 248 -0.67 32.01 17.22
N PHE B 249 -0.93 31.06 18.14
CA PHE B 249 -0.23 29.79 18.14
C PHE B 249 -0.30 29.12 16.77
N LEU B 250 -1.51 29.09 16.17
CA LEU B 250 -1.74 28.47 14.86
C LEU B 250 -0.93 29.18 13.77
N ASN B 251 -0.89 30.50 13.88
CA ASN B 251 -0.24 31.33 12.87
C ASN B 251 1.26 31.02 12.87
N ARG B 252 1.85 30.87 14.06
CA ARG B 252 3.28 30.56 14.16
C ARG B 252 3.60 29.15 13.65
N CYS B 253 2.67 28.19 13.81
CA CYS B 253 2.79 26.84 13.29
C CYS B 253 2.66 26.80 11.77
N LEU B 254 1.75 27.57 11.20
CA LEU B 254 1.37 27.48 9.79
C LEU B 254 1.86 28.62 8.87
N GLU B 255 2.96 29.25 9.30
CA GLU B 255 3.55 30.39 8.60
C GLU B 255 4.23 29.82 7.33
N MET B 256 4.03 30.46 6.19
CA MET B 256 4.56 30.04 4.92
C MET B 256 6.07 30.24 4.85
N ASP B 257 6.54 31.33 5.48
CA ASP B 257 7.97 31.65 5.57
C ASP B 257 8.63 30.81 6.66
N VAL B 258 9.30 29.73 6.28
CA VAL B 258 10.01 28.86 7.22
C VAL B 258 10.83 29.59 8.29
N GLU B 259 11.50 30.70 8.00
CA GLU B 259 12.34 31.35 9.01
C GLU B 259 11.45 31.94 10.12
N LYS B 260 10.32 32.52 9.70
CA LYS B 260 9.38 33.20 10.59
C LYS B 260 8.54 32.19 11.37
N ARG B 261 8.55 30.90 11.01
CA ARG B 261 7.70 29.88 11.58
C ARG B 261 8.41 29.24 12.75
N GLY B 262 7.63 28.80 13.75
CA GLY B 262 8.16 28.51 15.06
C GLY B 262 8.96 27.22 15.04
N SER B 263 10.06 27.21 15.78
CA SER B 263 10.80 26.00 16.03
C SER B 263 10.13 25.26 17.15
N ALA B 264 10.45 24.00 17.33
CA ALA B 264 9.74 23.27 18.37
C ALA B 264 10.00 23.90 19.73
N LYS B 265 11.28 24.11 20.03
CA LYS B 265 11.68 24.68 21.33
C LYS B 265 10.92 25.97 21.63
N GLU B 266 10.79 26.84 20.60
CA GLU B 266 10.16 28.15 20.67
C GLU B 266 8.72 27.98 21.14
N LEU B 267 8.01 27.05 20.47
CA LEU B 267 6.59 26.90 20.62
C LEU B 267 6.23 26.26 21.95
N LEU B 268 7.18 25.60 22.57
CA LEU B 268 6.97 25.17 23.93
C LEU B 268 6.93 26.36 24.89
N GLN B 269 7.34 27.56 24.42
CA GLN B 269 7.30 28.80 25.19
C GLN B 269 5.98 29.52 25.00
N HIS B 270 5.13 29.07 24.06
CA HIS B 270 4.03 29.90 23.62
C HIS B 270 2.97 30.06 24.70
N GLN B 271 2.32 31.21 24.74
CA GLN B 271 1.29 31.50 25.76
C GLN B 271 0.18 30.46 25.66
N PHE B 272 -0.02 29.85 24.49
CA PHE B 272 -1.21 29.04 24.25
C PHE B 272 -1.13 27.82 25.15
N LEU B 273 0.11 27.32 25.41
CA LEU B 273 0.29 26.11 26.22
C LEU B 273 0.08 26.32 27.71
N LYS B 274 0.19 27.56 28.22
CA LYS B 274 -0.04 27.79 29.64
C LYS B 274 -1.44 27.28 30.03
N LEU B 275 -2.38 27.50 29.11
CA LEU B 275 -3.80 27.14 29.16
C LEU B 275 -4.12 25.66 29.18
N ALA B 276 -3.11 24.80 29.33
CA ALA B 276 -3.37 23.39 29.14
C ALA B 276 -3.95 22.87 30.44
N LYS B 277 -5.01 22.05 30.38
CA LYS B 277 -5.47 21.28 31.52
C LYS B 277 -4.53 20.11 31.76
N PRO B 278 -4.63 19.38 32.89
CA PRO B 278 -3.83 18.18 33.14
C PRO B 278 -4.24 17.15 32.10
N LEU B 279 -3.38 16.13 31.91
CA LEU B 279 -3.58 15.13 30.87
C LEU B 279 -4.74 14.20 31.22
N SER B 280 -5.12 14.13 32.52
CA SER B 280 -6.29 13.40 32.97
C SER B 280 -7.59 13.94 32.32
N SER B 281 -7.54 15.16 31.78
CA SER B 281 -8.64 15.78 31.10
C SER B 281 -8.94 15.16 29.74
N LEU B 282 -8.03 14.31 29.20
CA LEU B 282 -8.24 13.71 27.91
C LEU B 282 -8.97 12.39 28.06
N THR B 283 -9.05 11.86 29.28
CA THR B 283 -9.67 10.54 29.44
C THR B 283 -11.15 10.52 29.03
N PRO B 284 -11.98 11.57 29.28
CA PRO B 284 -13.39 11.58 28.83
C PRO B 284 -13.55 11.70 27.31
N LEU B 285 -12.58 12.36 26.68
CA LEU B 285 -12.43 12.35 25.24
C LEU B 285 -12.26 10.95 24.65
N ILE B 286 -11.50 10.10 25.33
CA ILE B 286 -11.31 8.69 25.03
C ILE B 286 -12.58 7.90 25.27
N ALA B 287 -13.15 8.03 26.47
CA ALA B 287 -14.37 7.34 26.78
C ALA B 287 -15.45 7.61 25.74
N ALA B 288 -15.45 8.86 25.26
CA ALA B 288 -16.46 9.37 24.35
C ALA B 288 -16.24 8.83 22.95
N ALA B 289 -14.99 8.89 22.52
CA ALA B 289 -14.55 8.21 21.27
C ALA B 289 -14.94 6.75 21.24
N LYS B 290 -14.58 6.06 22.31
CA LYS B 290 -15.05 4.71 22.54
C LYS B 290 -16.56 4.59 22.28
N GLU B 291 -17.39 5.43 22.93
CA GLU B 291 -18.83 5.23 22.87
C GLU B 291 -19.34 5.48 21.45
N ALA B 292 -18.83 6.55 20.82
CA ALA B 292 -19.17 6.91 19.45
C ALA B 292 -18.82 5.81 18.45
N MET B 293 -17.79 5.03 18.76
CA MET B 293 -17.33 4.02 17.80
C MET B 293 -18.02 2.68 18.04
N LYS B 294 -18.78 2.52 19.14
CA LYS B 294 -19.43 1.23 19.38
C LYS B 294 -20.72 1.21 18.59
N SER B 295 -20.76 0.45 17.48
CA SER B 295 -22.00 0.32 16.72
C SER B 295 -22.87 -0.80 17.27
N ASN B 296 -24.04 -0.45 17.83
CA ASN B 296 -25.09 -1.41 18.12
C ASN B 296 -25.44 -2.08 16.79
#